data_5HH7
#
_entry.id   5HH7
#
_cell.length_a   64.408
_cell.length_b   64.408
_cell.length_c   79.633
_cell.angle_alpha   90.000
_cell.angle_beta   90.000
_cell.angle_gamma   90.000
#
_symmetry.space_group_name_H-M   'P 43'
#
loop_
_entity.id
_entity.type
_entity.pdbx_description
1 polymer 'Origin of replication complex subunit 1B'
2 polymer 'Histone H3 1-15 peptide'
3 non-polymer 'ZINC ION'
4 water water
#
loop_
_entity_poly.entity_id
_entity_poly.type
_entity_poly.pdbx_seq_one_letter_code
_entity_poly.pdbx_strand_id
1 'polypeptide(L)'
;SSETIKKTKKKKRVYYNKVEFDETEFEIGDDVYVKRREDSNSDEEEDPEIEDCQICFKSDTNIMIECDDCLGGFHLKCLK
PPLKEVPEGDWICQFCEVKKSGQSQTLDLPKPPEGKKLARTMREKLLSGDLWAARIDKLWKEVDDGVYWIRARWYMIPEE
TVSGRQPHNLKRELYLTNDFADIEMECILRHCSVKCPKEFSKASNDGDDVFLCEYEYDVHWRSFKRLAELADG
;
A
2 'polypeptide(L)' ARTKQTARKSTGGKA P
#
# COMPACT_ATOMS: atom_id res chain seq x y z
N LYS A 12 31.87 -4.10 10.38
CA LYS A 12 31.47 -4.61 9.07
C LYS A 12 30.19 -3.91 8.61
N ARG A 13 29.44 -3.39 9.58
CA ARG A 13 28.24 -2.60 9.28
C ARG A 13 28.23 -1.29 10.05
N VAL A 14 27.77 -0.23 9.40
CA VAL A 14 27.52 1.04 10.06
C VAL A 14 26.01 1.34 9.99
N TYR A 15 25.35 1.26 11.13
CA TYR A 15 23.90 1.46 11.19
C TYR A 15 23.52 2.93 11.27
N TYR A 16 22.38 3.27 10.67
CA TYR A 16 21.90 4.64 10.64
C TYR A 16 20.44 4.71 11.06
N ASN A 17 20.07 5.81 11.71
CA ASN A 17 18.66 6.06 11.98
C ASN A 17 17.95 6.47 10.70
N LYS A 18 18.66 7.21 9.86
CA LYS A 18 18.12 7.58 8.55
C LYS A 18 19.20 7.74 7.48
N VAL A 19 18.80 7.51 6.23
CA VAL A 19 19.71 7.51 5.10
C VAL A 19 19.07 8.22 3.91
N GLU A 20 19.83 9.12 3.28
CA GLU A 20 19.39 9.67 2.00
C GLU A 20 19.89 8.77 0.87
N PHE A 21 18.94 8.17 0.16
CA PHE A 21 19.27 7.24 -0.92
C PHE A 21 18.58 7.70 -2.20
N ASP A 22 19.38 8.02 -3.22
CA ASP A 22 18.87 8.56 -4.48
C ASP A 22 17.99 9.78 -4.26
N GLU A 23 18.48 10.70 -3.43
CA GLU A 23 17.78 11.94 -3.10
C GLU A 23 16.44 11.75 -2.37
N THR A 24 16.21 10.54 -1.85
CA THR A 24 15.04 10.29 -1.02
C THR A 24 15.46 9.88 0.39
N GLU A 25 14.84 10.51 1.39
CA GLU A 25 15.15 10.22 2.79
C GLU A 25 14.39 9.01 3.29
N PHE A 26 15.12 8.01 3.77
CA PHE A 26 14.49 6.83 4.37
C PHE A 26 14.85 6.76 5.85
N GLU A 27 13.86 6.43 6.67
CA GLU A 27 14.02 6.44 8.12
C GLU A 27 13.45 5.16 8.72
N ILE A 28 14.03 4.72 9.84
CA ILE A 28 13.49 3.58 10.57
C ILE A 28 12.02 3.82 10.87
N GLY A 29 11.18 2.84 10.53
CA GLY A 29 9.76 2.95 10.75
C GLY A 29 8.99 3.31 9.49
N ASP A 30 9.71 3.73 8.46
CA ASP A 30 9.09 4.01 7.16
C ASP A 30 8.51 2.73 6.57
N ASP A 31 7.46 2.89 5.76
CA ASP A 31 6.89 1.79 5.01
C ASP A 31 7.22 1.99 3.52
N VAL A 32 7.62 0.92 2.84
CA VAL A 32 8.05 1.00 1.45
C VAL A 32 7.57 -0.17 0.60
N TYR A 33 7.37 0.08 -0.69
CA TYR A 33 7.19 -0.98 -1.67
C TYR A 33 8.57 -1.54 -2.00
N VAL A 34 8.65 -2.87 -2.15
CA VAL A 34 9.91 -3.51 -2.47
C VAL A 34 9.80 -4.48 -3.65
N LYS A 35 10.78 -4.40 -4.55
CA LYS A 35 10.93 -5.37 -5.61
C LYS A 35 12.20 -6.17 -5.36
N ARG A 36 12.04 -7.40 -4.85
CA ARG A 36 13.17 -8.22 -4.49
C ARG A 36 13.95 -8.72 -5.71
N ARG A 37 15.24 -8.99 -5.53
CA ARG A 37 16.11 -9.44 -6.61
C ARG A 37 15.58 -10.68 -7.30
N GLU A 38 14.99 -11.57 -6.51
CA GLU A 38 14.55 -12.87 -7.01
C GLU A 38 13.20 -12.81 -7.71
N ASP A 39 12.52 -11.68 -7.61
CA ASP A 39 11.20 -11.52 -8.22
C ASP A 39 11.25 -11.65 -9.74
N GLU A 46 5.97 0.34 -15.46
CA GLU A 46 5.31 1.64 -15.35
C GLU A 46 4.73 1.83 -13.96
N ASP A 47 4.48 3.08 -13.59
CA ASP A 47 3.95 3.40 -12.27
C ASP A 47 3.03 4.62 -12.36
N PRO A 48 1.85 4.45 -12.97
CA PRO A 48 0.96 5.58 -13.32
C PRO A 48 0.47 6.38 -12.12
N GLU A 49 0.50 7.70 -12.27
CA GLU A 49 0.03 8.63 -11.25
C GLU A 49 -1.49 8.60 -11.14
N ILE A 50 -2.13 8.42 -12.28
CA ILE A 50 -3.58 8.62 -12.39
C ILE A 50 -4.27 7.44 -13.07
N GLU A 51 -5.35 6.96 -12.44
CA GLU A 51 -6.11 5.84 -12.97
C GLU A 51 -7.27 6.32 -13.85
N ASP A 52 -7.68 5.47 -14.78
CA ASP A 52 -8.80 5.78 -15.67
C ASP A 52 -10.12 5.57 -14.95
N CYS A 53 -11.15 6.31 -15.36
CA CYS A 53 -12.49 6.00 -14.90
C CYS A 53 -12.94 4.72 -15.59
N GLN A 54 -13.61 3.85 -14.84
CA GLN A 54 -14.02 2.55 -15.36
C GLN A 54 -15.29 2.64 -16.18
N ILE A 55 -15.86 3.84 -16.29
CA ILE A 55 -17.08 4.04 -17.06
C ILE A 55 -16.82 4.78 -18.37
N CYS A 56 -16.06 5.87 -18.31
CA CYS A 56 -15.86 6.73 -19.49
C CYS A 56 -14.46 6.57 -20.10
N PHE A 57 -13.48 6.25 -19.25
CA PHE A 57 -12.09 6.08 -19.68
C PHE A 57 -11.51 7.34 -20.33
N LYS A 58 -12.07 8.50 -19.98
CA LYS A 58 -11.57 9.77 -20.49
C LYS A 58 -11.05 10.63 -19.34
N SER A 59 -9.90 11.27 -19.55
CA SER A 59 -9.34 12.19 -18.56
C SER A 59 -10.32 13.32 -18.25
N ASP A 60 -10.30 13.79 -17.01
CA ASP A 60 -11.24 14.83 -16.58
C ASP A 60 -10.84 15.50 -15.27
N THR A 61 -11.32 16.72 -15.08
CA THR A 61 -11.13 17.46 -13.84
C THR A 61 -12.15 17.04 -12.77
N ASN A 62 -13.23 16.38 -13.21
CA ASN A 62 -14.25 15.93 -12.27
C ASN A 62 -13.67 14.94 -11.27
N ILE A 63 -14.07 15.10 -10.01
CA ILE A 63 -13.57 14.25 -8.93
C ILE A 63 -13.84 12.77 -9.20
N MET A 64 -12.82 11.95 -8.96
CA MET A 64 -12.93 10.52 -9.14
C MET A 64 -12.87 9.82 -7.79
N ILE A 65 -13.82 8.91 -7.54
CA ILE A 65 -13.80 8.16 -6.30
C ILE A 65 -13.43 6.70 -6.51
N GLU A 66 -13.19 6.00 -5.42
CA GLU A 66 -12.69 4.64 -5.45
C GLU A 66 -13.72 3.69 -4.84
N CYS A 67 -13.98 2.59 -5.53
CA CYS A 67 -14.92 1.60 -5.01
C CYS A 67 -14.28 0.81 -3.88
N ASP A 68 -15.00 0.67 -2.76
CA ASP A 68 -14.50 -0.10 -1.62
C ASP A 68 -14.11 -1.52 -1.99
N ASP A 69 -14.80 -2.10 -2.97
CA ASP A 69 -14.61 -3.52 -3.31
C ASP A 69 -13.55 -3.76 -4.38
N CYS A 70 -13.81 -3.25 -5.59
CA CYS A 70 -12.92 -3.50 -6.72
C CYS A 70 -11.77 -2.50 -6.80
N LEU A 71 -11.86 -1.44 -6.01
CA LEU A 71 -10.85 -0.37 -6.00
C LEU A 71 -10.71 0.37 -7.35
N GLY A 72 -11.71 0.22 -8.22
CA GLY A 72 -11.71 0.91 -9.48
C GLY A 72 -12.04 2.39 -9.29
N GLY A 73 -11.68 3.20 -10.28
CA GLY A 73 -11.96 4.63 -10.23
C GLY A 73 -13.20 5.00 -11.01
N PHE A 74 -13.96 5.96 -10.48
CA PHE A 74 -15.20 6.40 -11.09
C PHE A 74 -15.41 7.90 -10.90
N HIS A 75 -15.61 8.62 -12.01
CA HIS A 75 -15.98 10.03 -11.92
C HIS A 75 -17.35 10.14 -11.26
N LEU A 76 -17.52 11.11 -10.37
CA LEU A 76 -18.81 11.36 -9.72
C LEU A 76 -19.89 11.65 -10.75
N LYS A 77 -19.55 12.48 -11.72
CA LYS A 77 -20.50 12.94 -12.73
C LYS A 77 -20.92 11.84 -13.68
N CYS A 78 -20.26 10.68 -13.59
CA CYS A 78 -20.49 9.61 -14.54
C CYS A 78 -21.28 8.44 -13.93
N LEU A 79 -21.53 8.53 -12.63
CA LEU A 79 -22.36 7.55 -11.96
C LEU A 79 -23.82 7.70 -12.43
N LYS A 80 -24.61 6.67 -12.21
CA LYS A 80 -26.04 6.71 -12.54
C LYS A 80 -26.90 6.44 -11.31
N PRO A 81 -27.51 7.50 -10.75
CA PRO A 81 -27.45 8.89 -11.20
C PRO A 81 -26.16 9.57 -10.74
N PRO A 82 -25.75 10.66 -11.41
CA PRO A 82 -24.47 11.30 -11.07
C PRO A 82 -24.48 11.89 -9.67
N LEU A 83 -23.36 11.76 -8.97
CA LEU A 83 -23.23 12.34 -7.64
C LEU A 83 -22.58 13.72 -7.71
N LYS A 84 -22.99 14.60 -6.81
CA LYS A 84 -22.42 15.93 -6.72
C LYS A 84 -21.20 15.93 -5.81
N GLU A 85 -21.30 15.17 -4.72
CA GLU A 85 -20.25 15.14 -3.71
C GLU A 85 -19.69 13.73 -3.54
N VAL A 86 -18.46 13.65 -3.04
CA VAL A 86 -17.88 12.37 -2.66
C VAL A 86 -18.71 11.79 -1.52
N PRO A 87 -19.23 10.58 -1.69
CA PRO A 87 -20.00 9.95 -0.61
C PRO A 87 -19.15 9.70 0.63
N GLU A 88 -19.73 9.99 1.79
CA GLU A 88 -19.06 9.72 3.06
C GLU A 88 -19.25 8.25 3.42
N GLY A 89 -18.19 7.61 3.90
CA GLY A 89 -18.29 6.23 4.33
C GLY A 89 -18.36 5.22 3.20
N ASP A 90 -19.05 4.11 3.45
CA ASP A 90 -19.09 2.97 2.54
C ASP A 90 -19.64 3.33 1.16
N TRP A 91 -18.96 2.85 0.12
CA TRP A 91 -19.46 2.99 -1.24
C TRP A 91 -18.87 1.94 -2.16
N ILE A 92 -19.73 1.27 -2.92
CA ILE A 92 -19.28 0.37 -3.96
C ILE A 92 -19.95 0.74 -5.28
N CYS A 93 -19.31 0.40 -6.38
CA CYS A 93 -19.82 0.78 -7.69
C CYS A 93 -20.95 -0.15 -8.15
N GLN A 94 -21.53 0.17 -9.29
CA GLN A 94 -22.66 -0.58 -9.82
C GLN A 94 -22.29 -2.02 -10.17
N PHE A 95 -21.06 -2.22 -10.65
CA PHE A 95 -20.61 -3.55 -11.05
C PHE A 95 -20.47 -4.48 -9.85
N CYS A 96 -19.97 -3.95 -8.73
CA CYS A 96 -19.84 -4.74 -7.52
C CYS A 96 -21.18 -4.89 -6.81
N GLU A 97 -22.09 -3.96 -7.07
CA GLU A 97 -23.46 -4.05 -6.59
C GLU A 97 -24.14 -5.29 -7.19
N VAL A 98 -24.03 -5.42 -8.50
CA VAL A 98 -24.60 -6.55 -9.24
C VAL A 98 -23.94 -7.88 -8.83
N LYS A 99 -22.76 -7.76 -8.21
CA LYS A 99 -21.86 -8.82 -7.71
C LYS A 99 -20.57 -8.87 -8.54
N ALA A 119 -1.85 0.13 -17.63
CA ALA A 119 -0.87 -0.44 -16.72
C ALA A 119 -1.39 -0.45 -15.28
N ARG A 120 -0.89 -1.40 -14.49
CA ARG A 120 -1.33 -1.54 -13.11
C ARG A 120 -0.53 -0.62 -12.18
N THR A 121 -1.21 -0.06 -11.18
CA THR A 121 -0.53 0.76 -10.19
C THR A 121 0.28 -0.13 -9.25
N MET A 122 1.19 0.49 -8.51
CA MET A 122 2.04 -0.23 -7.55
C MET A 122 1.18 -0.86 -6.45
N ARG A 123 0.15 -0.14 -6.03
CA ARG A 123 -0.80 -0.66 -5.04
C ARG A 123 -1.54 -1.88 -5.57
N GLU A 124 -1.93 -1.81 -6.84
CA GLU A 124 -2.61 -2.94 -7.47
C GLU A 124 -1.69 -4.16 -7.51
N LYS A 125 -0.42 -3.95 -7.83
CA LYS A 125 0.56 -5.04 -7.86
C LYS A 125 0.75 -5.65 -6.48
N LEU A 126 0.80 -4.79 -5.46
CA LEU A 126 0.97 -5.26 -4.09
C LEU A 126 -0.18 -6.18 -3.69
N LEU A 127 -1.40 -5.70 -3.93
CA LEU A 127 -2.59 -6.41 -3.49
C LEU A 127 -2.88 -7.67 -4.30
N SER A 128 -2.18 -7.83 -5.43
CA SER A 128 -2.29 -9.05 -6.21
C SER A 128 -1.10 -9.97 -5.96
N GLY A 129 -0.24 -9.56 -5.04
CA GLY A 129 0.93 -10.36 -4.66
C GLY A 129 2.07 -10.32 -5.66
N ASP A 130 2.13 -9.25 -6.45
CA ASP A 130 3.16 -9.13 -7.49
C ASP A 130 4.29 -8.17 -7.10
N LEU A 131 4.23 -7.66 -5.87
CA LEU A 131 5.37 -7.00 -5.26
C LEU A 131 5.22 -7.01 -3.75
N TRP A 132 6.23 -6.53 -3.04
CA TRP A 132 6.26 -6.62 -1.59
C TRP A 132 6.07 -5.26 -0.94
N ALA A 133 5.71 -5.28 0.34
CA ALA A 133 5.71 -4.07 1.17
C ALA A 133 6.40 -4.42 2.48
N ALA A 134 7.16 -3.49 3.01
CA ALA A 134 7.91 -3.73 4.24
C ALA A 134 8.00 -2.48 5.10
N ARG A 135 8.16 -2.69 6.40
CA ARG A 135 8.53 -1.62 7.30
C ARG A 135 10.04 -1.67 7.50
N ILE A 136 10.68 -0.51 7.48
CA ILE A 136 12.12 -0.46 7.65
C ILE A 136 12.51 -0.64 9.12
N ASP A 137 13.16 -1.76 9.39
CA ASP A 137 13.56 -2.10 10.76
C ASP A 137 14.93 -1.51 11.07
N LYS A 138 15.86 -1.67 10.13
CA LYS A 138 17.21 -1.12 10.27
C LYS A 138 17.67 -0.56 8.93
N LEU A 139 18.65 0.33 8.97
CA LEU A 139 19.36 0.80 7.77
C LEU A 139 20.84 0.76 8.06
N TRP A 140 21.63 0.29 7.10
CA TRP A 140 23.08 0.29 7.28
C TRP A 140 23.88 0.33 5.99
N LYS A 141 25.12 0.77 6.11
CA LYS A 141 26.07 0.71 5.01
C LYS A 141 26.98 -0.48 5.27
N GLU A 142 27.09 -1.35 4.27
CA GLU A 142 27.99 -2.50 4.35
C GLU A 142 29.41 -1.99 4.18
N VAL A 143 30.26 -2.21 5.18
CA VAL A 143 31.62 -1.65 5.18
C VAL A 143 32.50 -2.20 4.05
N ASP A 144 32.35 -3.47 3.73
CA ASP A 144 33.17 -4.11 2.71
C ASP A 144 33.04 -3.47 1.32
N ASP A 145 31.84 -3.03 0.96
CA ASP A 145 31.59 -2.53 -0.40
C ASP A 145 30.88 -1.17 -0.46
N GLY A 146 30.49 -0.64 0.69
CA GLY A 146 29.85 0.66 0.74
C GLY A 146 28.39 0.64 0.31
N VAL A 147 27.85 -0.56 0.10
CA VAL A 147 26.46 -0.71 -0.34
C VAL A 147 25.48 -0.53 0.82
N TYR A 148 24.40 0.22 0.58
CA TYR A 148 23.39 0.44 1.61
C TYR A 148 22.30 -0.63 1.60
N TRP A 149 21.88 -1.02 2.79
CA TRP A 149 20.90 -2.08 2.99
C TRP A 149 19.86 -1.66 4.01
N ILE A 150 18.73 -2.37 4.02
CA ILE A 150 17.79 -2.26 5.12
C ILE A 150 17.49 -3.66 5.67
N ARG A 151 17.05 -3.73 6.92
CA ARG A 151 16.40 -4.92 7.41
CA ARG A 151 16.39 -4.93 7.40
C ARG A 151 14.90 -4.72 7.24
N ALA A 152 14.30 -5.48 6.35
CA ALA A 152 12.88 -5.33 6.05
C ALA A 152 12.03 -6.22 6.94
N ARG A 153 10.96 -5.66 7.48
CA ARG A 153 9.95 -6.46 8.16
C ARG A 153 8.73 -6.52 7.25
N TRP A 154 8.47 -7.70 6.70
CA TRP A 154 7.49 -7.84 5.63
C TRP A 154 6.04 -7.66 6.05
N TYR A 155 5.29 -6.93 5.25
CA TYR A 155 3.84 -6.97 5.33
C TYR A 155 3.38 -8.17 4.53
N MET A 156 2.13 -8.57 4.74
CA MET A 156 1.55 -9.67 3.98
C MET A 156 0.07 -9.38 3.73
N ILE A 157 -0.38 -9.60 2.50
CA ILE A 157 -1.78 -9.43 2.18
C ILE A 157 -2.56 -10.65 2.70
N PRO A 158 -3.83 -10.44 3.06
CA PRO A 158 -4.65 -11.51 3.66
C PRO A 158 -4.71 -12.78 2.81
N GLU A 159 -4.74 -12.64 1.48
CA GLU A 159 -4.81 -13.79 0.59
C GLU A 159 -3.63 -14.74 0.77
N GLU A 160 -2.49 -14.19 1.20
CA GLU A 160 -1.26 -14.98 1.29
C GLU A 160 -1.07 -15.67 2.64
N THR A 161 -1.92 -15.37 3.61
CA THR A 161 -2.01 -16.16 4.82
C THR A 161 -2.71 -17.45 4.44
N VAL A 162 -2.41 -18.54 5.13
CA VAL A 162 -2.99 -19.84 4.75
C VAL A 162 -4.51 -19.86 4.86
N SER A 163 -5.07 -19.08 5.78
CA SER A 163 -6.52 -19.05 5.96
C SER A 163 -7.22 -18.03 5.08
N GLY A 164 -6.45 -17.13 4.50
CA GLY A 164 -6.94 -16.24 3.46
C GLY A 164 -7.76 -15.05 3.97
N ARG A 165 -8.33 -14.32 3.03
CA ARG A 165 -9.15 -13.14 3.34
C ARG A 165 -10.41 -13.54 4.09
N GLN A 166 -10.78 -12.75 5.09
CA GLN A 166 -11.98 -12.97 5.88
C GLN A 166 -12.98 -11.85 5.56
N PRO A 167 -14.28 -12.08 5.84
CA PRO A 167 -15.29 -11.07 5.53
C PRO A 167 -15.02 -9.71 6.20
N HIS A 168 -14.44 -9.71 7.39
CA HIS A 168 -14.19 -8.45 8.10
C HIS A 168 -12.97 -7.67 7.59
N ASN A 169 -12.17 -8.28 6.72
CA ASN A 169 -11.01 -7.60 6.14
C ASN A 169 -11.44 -6.43 5.25
N LEU A 170 -10.59 -5.41 5.16
CA LEU A 170 -10.76 -4.37 4.16
C LEU A 170 -9.82 -4.66 2.98
N LYS A 171 -10.17 -4.15 1.81
CA LYS A 171 -9.38 -4.41 0.61
C LYS A 171 -7.96 -3.83 0.68
N ARG A 172 -7.80 -2.73 1.41
CA ARG A 172 -6.48 -2.12 1.57
C ARG A 172 -5.76 -2.56 2.84
N GLU A 173 -6.19 -3.69 3.41
CA GLU A 173 -5.62 -4.13 4.69
C GLU A 173 -4.39 -5.03 4.53
N LEU A 174 -3.38 -4.77 5.34
CA LEU A 174 -2.16 -5.58 5.38
C LEU A 174 -1.95 -6.09 6.80
N TYR A 175 -1.22 -7.19 6.94
CA TYR A 175 -0.75 -7.65 8.23
C TYR A 175 0.76 -7.46 8.28
N LEU A 176 1.27 -7.05 9.44
CA LEU A 176 2.71 -6.95 9.64
C LEU A 176 3.25 -8.25 10.20
N THR A 177 4.05 -8.97 9.42
CA THR A 177 4.52 -10.27 9.85
C THR A 177 5.72 -10.15 10.78
N ASN A 178 6.15 -11.29 11.31
CA ASN A 178 7.40 -11.38 12.03
C ASN A 178 8.48 -12.01 11.16
N ASP A 179 8.33 -11.86 9.85
CA ASP A 179 9.35 -12.27 8.90
C ASP A 179 10.25 -11.08 8.59
N PHE A 180 11.56 -11.29 8.66
CA PHE A 180 12.53 -10.23 8.37
C PHE A 180 13.53 -10.70 7.31
N ALA A 181 14.10 -9.74 6.58
CA ALA A 181 15.13 -10.06 5.59
C ALA A 181 16.05 -8.88 5.33
N ASP A 182 17.30 -9.18 4.99
CA ASP A 182 18.24 -8.17 4.54
C ASP A 182 18.01 -7.88 3.07
N ILE A 183 17.76 -6.62 2.75
CA ILE A 183 17.41 -6.21 1.40
C ILE A 183 18.22 -4.98 1.02
N GLU A 184 18.81 -4.99 -0.16
CA GLU A 184 19.54 -3.81 -0.64
C GLU A 184 18.58 -2.65 -0.86
N MET A 185 19.00 -1.45 -0.47
CA MET A 185 18.15 -0.27 -0.63
C MET A 185 17.81 -0.01 -2.08
N GLU A 186 18.65 -0.52 -2.99
CA GLU A 186 18.40 -0.44 -4.42
C GLU A 186 17.08 -1.14 -4.80
N CYS A 187 16.65 -2.09 -3.97
CA CYS A 187 15.43 -2.84 -4.23
C CYS A 187 14.16 -2.11 -3.79
N ILE A 188 14.32 -1.01 -3.07
CA ILE A 188 13.18 -0.21 -2.65
C ILE A 188 12.62 0.55 -3.85
N LEU A 189 11.31 0.47 -4.06
CA LEU A 189 10.67 1.21 -5.14
C LEU A 189 10.37 2.64 -4.70
N ARG A 190 9.45 2.77 -3.75
CA ARG A 190 9.15 4.07 -3.15
C ARG A 190 8.32 3.88 -1.88
N HIS A 191 8.09 4.96 -1.15
CA HIS A 191 7.30 4.90 0.07
C HIS A 191 5.83 4.56 -0.21
N CYS A 192 5.22 3.85 0.73
CA CYS A 192 3.76 3.81 0.83
C CYS A 192 3.41 4.31 2.22
N SER A 193 2.12 4.44 2.51
CA SER A 193 1.71 4.92 3.83
C SER A 193 0.77 3.95 4.51
N VAL A 194 1.26 3.31 5.57
CA VAL A 194 0.47 2.31 6.28
C VAL A 194 -0.10 2.91 7.56
N LYS A 195 -1.43 2.88 7.69
CA LYS A 195 -2.11 3.56 8.78
C LYS A 195 -2.65 2.59 9.83
N CYS A 196 -2.56 2.98 11.09
CA CYS A 196 -3.23 2.25 12.17
C CYS A 196 -4.73 2.52 12.03
N PRO A 197 -5.58 1.70 12.66
CA PRO A 197 -7.03 1.84 12.50
C PRO A 197 -7.54 3.24 12.84
N LYS A 198 -6.95 3.85 13.87
CA LYS A 198 -7.39 5.16 14.32
C LYS A 198 -7.19 6.26 13.28
N GLU A 199 -6.31 6.01 12.31
CA GLU A 199 -5.96 7.05 11.34
C GLU A 199 -6.29 6.69 9.89
N PHE A 200 -6.78 5.48 9.67
CA PHE A 200 -7.03 5.01 8.31
C PHE A 200 -8.15 5.76 7.60
N SER A 201 -9.31 5.89 8.24
CA SER A 201 -10.46 6.50 7.59
C SER A 201 -10.22 7.97 7.26
N LYS A 202 -9.43 8.63 8.10
CA LYS A 202 -9.10 10.04 7.89
C LYS A 202 -8.12 10.25 6.73
N ALA A 203 -7.53 9.15 6.26
CA ALA A 203 -6.61 9.22 5.13
C ALA A 203 -7.31 8.90 3.80
N SER A 204 -8.62 9.10 3.76
CA SER A 204 -9.42 8.72 2.60
C SER A 204 -9.10 9.53 1.34
N ASN A 205 -8.51 10.69 1.52
CA ASN A 205 -8.13 11.53 0.40
C ASN A 205 -6.66 11.57 0.13
N ASP A 206 -5.92 10.66 0.74
CA ASP A 206 -4.46 10.71 0.72
C ASP A 206 -3.79 9.91 -0.41
N GLY A 207 -4.60 9.35 -1.31
CA GLY A 207 -4.06 8.76 -2.52
C GLY A 207 -4.00 7.24 -2.56
N ASP A 208 -3.37 6.73 -3.62
CA ASP A 208 -3.43 5.31 -3.96
C ASP A 208 -2.56 4.42 -3.04
N ASP A 209 -1.62 5.03 -2.34
CA ASP A 209 -0.62 4.26 -1.62
C ASP A 209 -0.88 4.20 -0.12
N VAL A 210 -2.16 4.25 0.25
CA VAL A 210 -2.55 4.22 1.65
C VAL A 210 -3.13 2.86 2.01
N PHE A 211 -2.60 2.28 3.08
CA PHE A 211 -3.05 0.96 3.53
C PHE A 211 -3.40 0.95 5.00
N LEU A 212 -4.16 -0.05 5.40
CA LEU A 212 -4.54 -0.24 6.79
C LEU A 212 -3.74 -1.40 7.38
N CYS A 213 -3.17 -1.20 8.57
CA CYS A 213 -2.62 -2.32 9.31
C CYS A 213 -2.96 -2.20 10.79
N GLU A 214 -3.72 -3.18 11.28
CA GLU A 214 -4.08 -3.23 12.69
C GLU A 214 -3.32 -4.32 13.42
N TYR A 215 -2.98 -5.39 12.70
CA TYR A 215 -2.45 -6.59 13.36
C TYR A 215 -1.05 -6.99 12.92
N GLU A 216 -0.32 -7.52 13.89
CA GLU A 216 0.88 -8.29 13.64
C GLU A 216 0.46 -9.73 13.42
N TYR A 217 0.96 -10.34 12.35
CA TYR A 217 0.64 -11.73 12.04
C TYR A 217 1.87 -12.59 12.18
N ASP A 218 1.87 -13.52 13.13
CA ASP A 218 2.98 -14.45 13.23
C ASP A 218 2.72 -15.62 12.28
N VAL A 219 3.54 -15.71 11.25
CA VAL A 219 3.33 -16.69 10.18
C VAL A 219 3.49 -18.14 10.69
N HIS A 220 4.38 -18.35 11.64
CA HIS A 220 4.60 -19.68 12.20
C HIS A 220 3.43 -20.17 13.05
N TRP A 221 2.94 -19.29 13.94
CA TRP A 221 1.86 -19.66 14.84
C TRP A 221 0.49 -19.40 14.22
N ARG A 222 0.50 -18.71 13.09
CA ARG A 222 -0.73 -18.32 12.39
C ARG A 222 -1.67 -17.62 13.36
N SER A 223 -1.12 -16.64 14.07
CA SER A 223 -1.84 -15.94 15.13
C SER A 223 -1.72 -14.44 14.95
N PHE A 224 -2.70 -13.71 15.50
CA PHE A 224 -2.73 -12.26 15.36
C PHE A 224 -2.58 -11.56 16.71
N LYS A 225 -1.94 -10.40 16.67
CA LYS A 225 -1.79 -9.56 17.85
C LYS A 225 -1.95 -8.12 17.39
N ARG A 226 -2.59 -7.30 18.21
CA ARG A 226 -2.74 -5.89 17.86
C ARG A 226 -1.38 -5.19 17.90
N LEU A 227 -1.13 -4.33 16.91
CA LEU A 227 0.07 -3.50 16.93
C LEU A 227 -0.03 -2.52 18.09
N ALA A 228 -1.25 -2.10 18.39
CA ALA A 228 -1.52 -1.12 19.45
C ALA A 228 -0.92 -1.53 20.79
N ALA B 1 -16.15 7.23 1.29
CA ALA B 1 -15.43 6.67 0.15
C ALA B 1 -14.12 7.39 -0.07
N ARG B 2 -13.11 6.66 -0.54
CA ARG B 2 -11.81 7.25 -0.82
C ARG B 2 -11.83 7.88 -2.22
N THR B 3 -10.99 8.88 -2.43
CA THR B 3 -10.87 9.50 -3.73
C THR B 3 -9.68 8.95 -4.50
N LYS B 4 -9.69 9.13 -5.82
CA LYS B 4 -8.54 8.80 -6.63
C LYS B 4 -7.70 10.06 -6.76
N GLN B 5 -6.38 9.90 -6.62
CA GLN B 5 -5.46 11.03 -6.67
C GLN B 5 -5.40 11.61 -8.08
N THR B 6 -4.89 12.84 -8.19
CA THR B 6 -4.63 13.46 -9.48
C THR B 6 -3.12 13.61 -9.65
N ALA B 7 -2.38 13.19 -8.64
CA ALA B 7 -0.92 13.25 -8.65
C ALA B 7 -0.37 12.45 -7.48
N ARG B 8 0.84 11.93 -7.63
CA ARG B 8 1.51 11.21 -6.55
C ARG B 8 1.74 12.15 -5.37
N LYS B 9 1.81 11.59 -4.17
CA LYS B 9 2.10 12.39 -2.99
C LYS B 9 3.46 13.08 -3.10
#